data_9QI6
#
_entry.id   9QI6
#
_cell.length_a   39.495
_cell.length_b   41.351
_cell.length_c   269.672
_cell.angle_alpha   90.00
_cell.angle_beta   90.00
_cell.angle_gamma   90.00
#
_symmetry.space_group_name_H-M   'P 21 21 21'
#
loop_
_entity.id
_entity.type
_entity.pdbx_description
1 polymer Beta-lactamase
2 non-polymer 'ZINC ION'
3 non-polymer 'ACETATE ION'
4 non-polymer GLYCEROL
5 non-polymer DI(HYDROXYETHYL)ETHER
6 non-polymer (2E)-3-[(4-hydroxy-2-oxobutyl)amino]prop-2-enal
7 water water
#
_entity_poly.entity_id   1
_entity_poly.type   'polypeptide(L)'
_entity_poly.pdbx_seq_one_letter_code
;DLADRFAELERRYDARLGVYVPATGTTAAIEYRADERFAFCSTFKAPLVAAVLHQNPLTHLDKLITYTSDDIRSRSPVAQ
QHVQTGMTIGQLCDAAIRYSDGTAANLLLADLGGPGGGTAAFTGYLRSLGDTVSRLDAEEPELNRDPPGDERDTTTPHAI
ALVLQQLVLGNALPPDKRALLTDWMARNTTGAKRIRAGFPADWKVIDKTGTGDYGRANDIAVVWSPTGVPYVVAVMSDRA
GGGYDAEPREALLAEAATCVAGVLA
;
_entity_poly.pdbx_strand_id   A,B
#
# COMPACT_ATOMS: atom_id res chain seq x y z
N ASP A 1 -32.39 -27.28 -7.89
CA ASP A 1 -30.93 -27.18 -7.75
C ASP A 1 -30.49 -25.72 -7.64
N LEU A 2 -29.19 -25.48 -7.80
CA LEU A 2 -28.66 -24.14 -7.71
C LEU A 2 -29.19 -23.23 -8.82
N ALA A 3 -29.35 -23.78 -10.02
CA ALA A 3 -29.91 -23.04 -11.14
C ALA A 3 -31.34 -22.56 -10.88
N ASP A 4 -32.16 -23.43 -10.27
CA ASP A 4 -33.51 -23.08 -9.87
C ASP A 4 -33.48 -21.93 -8.87
N ARG A 5 -32.54 -21.99 -7.92
CA ARG A 5 -32.44 -20.98 -6.88
C ARG A 5 -32.05 -19.63 -7.49
N PHE A 6 -31.09 -19.64 -8.43
CA PHE A 6 -30.71 -18.41 -9.11
C PHE A 6 -31.84 -17.86 -9.98
N ALA A 7 -32.57 -18.76 -10.65
CA ALA A 7 -33.69 -18.35 -11.46
C ALA A 7 -34.76 -17.65 -10.61
N GLU A 8 -34.97 -18.14 -9.38
CA GLU A 8 -35.94 -17.53 -8.49
C GLU A 8 -35.51 -16.12 -8.06
N LEU A 9 -34.20 -15.90 -7.85
CA LEU A 9 -33.70 -14.56 -7.60
C LEU A 9 -34.07 -13.63 -8.76
N GLU A 10 -33.86 -14.11 -10.00
CA GLU A 10 -34.17 -13.30 -11.16
C GLU A 10 -35.64 -12.91 -11.20
N ARG A 11 -36.53 -13.87 -10.91
CA ARG A 11 -37.96 -13.60 -10.92
C ARG A 11 -38.33 -12.57 -9.87
N ARG A 12 -37.84 -12.77 -8.65
CA ARG A 12 -38.22 -11.92 -7.53
C ARG A 12 -37.71 -10.49 -7.68
N TYR A 13 -36.49 -10.34 -8.20
CA TYR A 13 -35.91 -9.02 -8.41
C TYR A 13 -36.18 -8.43 -9.79
N ASP A 14 -36.85 -9.21 -10.64
CA ASP A 14 -37.11 -8.81 -12.02
C ASP A 14 -35.81 -8.35 -12.65
N ALA A 15 -34.82 -9.26 -12.64
CA ALA A 15 -33.45 -8.95 -13.02
C ALA A 15 -32.83 -10.07 -13.85
N ARG A 16 -31.71 -9.75 -14.50
CA ARG A 16 -30.81 -10.73 -15.08
C ARG A 16 -29.59 -10.83 -14.16
N LEU A 17 -29.21 -12.06 -13.81
CA LEU A 17 -28.14 -12.34 -12.88
C LEU A 17 -27.09 -13.22 -13.55
N GLY A 18 -25.81 -12.88 -13.37
CA GLY A 18 -24.69 -13.69 -13.81
C GLY A 18 -23.79 -14.03 -12.63
N VAL A 19 -23.38 -15.31 -12.54
CA VAL A 19 -22.55 -15.79 -11.45
C VAL A 19 -21.46 -16.69 -12.01
N TYR A 20 -20.23 -16.49 -11.56
CA TYR A 20 -19.15 -17.43 -11.81
C TYR A 20 -18.22 -17.54 -10.60
N VAL A 21 -17.95 -18.78 -10.23
CA VAL A 21 -16.95 -19.17 -9.25
C VAL A 21 -16.09 -20.27 -9.87
N PRO A 22 -14.77 -20.05 -10.08
CA PRO A 22 -13.92 -21.08 -10.64
C PRO A 22 -13.88 -22.34 -9.77
N ALA A 23 -13.65 -23.48 -10.44
CA ALA A 23 -13.42 -24.73 -9.75
C ALA A 23 -12.16 -24.63 -8.90
N THR A 24 -12.11 -25.46 -7.86
CA THR A 24 -10.88 -25.70 -7.11
C THR A 24 -10.60 -27.20 -7.08
N GLY A 25 -9.52 -27.60 -6.40
CA GLY A 25 -9.21 -29.01 -6.18
C GLY A 25 -10.38 -29.84 -5.65
N THR A 26 -11.24 -29.20 -4.83
CA THR A 26 -12.32 -29.91 -4.15
C THR A 26 -13.74 -29.40 -4.41
N THR A 27 -13.89 -28.35 -5.23
CA THR A 27 -15.20 -27.78 -5.53
C THR A 27 -15.38 -27.53 -7.02
N ALA A 28 -16.56 -27.89 -7.55
CA ALA A 28 -16.88 -27.70 -8.95
C ALA A 28 -17.12 -26.21 -9.18
N ALA A 29 -16.95 -25.78 -10.45
CA ALA A 29 -17.29 -24.43 -10.85
C ALA A 29 -18.76 -24.16 -10.62
N ILE A 30 -19.08 -22.92 -10.26
CA ILE A 30 -20.46 -22.45 -10.19
C ILE A 30 -20.69 -21.48 -11.35
N GLU A 31 -21.68 -21.77 -12.18
CA GLU A 31 -21.92 -21.05 -13.44
C GLU A 31 -23.41 -20.77 -13.63
N TYR A 32 -23.77 -19.50 -13.76
CA TYR A 32 -25.13 -19.09 -14.11
C TYR A 32 -25.05 -17.86 -15.00
N ARG A 33 -25.44 -18.02 -16.26
CA ARG A 33 -25.22 -17.02 -17.30
C ARG A 33 -23.79 -16.50 -17.29
N ALA A 34 -22.85 -17.41 -17.02
CA ALA A 34 -21.47 -17.02 -16.77
C ALA A 34 -20.76 -16.51 -18.03
N ASP A 35 -21.31 -16.86 -19.19
CA ASP A 35 -20.73 -16.43 -20.46
C ASP A 35 -21.54 -15.39 -21.21
N GLU A 36 -22.60 -14.89 -20.59
CA GLU A 36 -23.36 -13.77 -21.11
C GLU A 36 -22.61 -12.49 -20.76
N ARG A 37 -22.72 -11.50 -21.65
CA ARG A 37 -22.04 -10.23 -21.46
C ARG A 37 -22.84 -9.35 -20.49
N PHE A 38 -22.10 -8.71 -19.58
CA PHE A 38 -22.62 -7.69 -18.70
C PHE A 38 -21.65 -6.51 -18.70
N ALA A 39 -22.18 -5.29 -18.62
CA ALA A 39 -21.35 -4.09 -18.47
C ALA A 39 -20.37 -4.21 -17.31
N PHE A 40 -19.09 -3.92 -17.56
CA PHE A 40 -18.12 -3.80 -16.48
C PHE A 40 -18.60 -2.89 -15.34
N CYS A 41 -19.09 -1.71 -15.74
CA CYS A 41 -19.17 -0.54 -14.88
C CYS A 41 -17.84 -0.43 -14.14
N SER A 42 -17.83 -0.06 -12.85
CA SER A 42 -16.56 0.23 -12.19
C SER A 42 -15.71 -1.00 -11.86
N THR A 43 -16.16 -2.21 -12.19
CA THR A 43 -15.36 -3.39 -11.88
C THR A 43 -14.03 -3.38 -12.62
N PHE A 44 -13.96 -2.65 -13.74
CA PHE A 44 -12.75 -2.61 -14.54
C PHE A 44 -11.60 -1.90 -13.81
N LYS A 45 -11.94 -1.14 -12.76
CA LYS A 45 -10.93 -0.34 -12.08
C LYS A 45 -9.92 -1.19 -11.33
N ALA A 46 -10.32 -2.40 -10.92
CA ALA A 46 -9.39 -3.32 -10.29
C ALA A 46 -8.29 -3.78 -11.26
N PRO A 47 -8.60 -4.39 -12.43
CA PRO A 47 -7.53 -4.69 -13.39
C PRO A 47 -6.84 -3.45 -13.94
N LEU A 48 -7.53 -2.30 -13.97
CA LEU A 48 -6.89 -1.07 -14.43
C LEU A 48 -5.73 -0.68 -13.54
N VAL A 49 -5.96 -0.71 -12.22
CA VAL A 49 -4.91 -0.45 -11.26
C VAL A 49 -3.80 -1.50 -11.37
N ALA A 50 -4.17 -2.77 -11.54
CA ALA A 50 -3.18 -3.81 -11.80
C ALA A 50 -2.30 -3.48 -13.00
N ALA A 51 -2.92 -3.02 -14.10
CA ALA A 51 -2.16 -2.69 -15.30
C ALA A 51 -1.13 -1.58 -15.05
N VAL A 52 -1.57 -0.54 -14.33
CA VAL A 52 -0.72 0.60 -14.03
C VAL A 52 0.40 0.20 -13.06
N LEU A 53 0.08 -0.68 -12.10
CA LEU A 53 1.08 -1.21 -11.19
C LEU A 53 2.14 -2.01 -11.96
N HIS A 54 1.65 -2.91 -12.82
CA HIS A 54 2.49 -3.85 -13.54
C HIS A 54 3.52 -3.15 -14.44
N GLN A 55 3.10 -2.07 -15.10
CA GLN A 55 3.91 -1.48 -16.15
C GLN A 55 4.96 -0.49 -15.65
N ASN A 56 4.96 -0.21 -14.35
CA ASN A 56 5.79 0.85 -13.79
C ASN A 56 6.45 0.43 -12.50
N PRO A 57 7.62 1.02 -12.15
CA PRO A 57 8.17 0.84 -10.82
C PRO A 57 7.25 1.40 -9.75
N LEU A 58 7.46 0.96 -8.50
CA LEU A 58 6.72 1.49 -7.36
C LEU A 58 6.83 3.00 -7.22
N THR A 59 7.97 3.59 -7.61
CA THR A 59 8.15 5.03 -7.48
C THR A 59 7.20 5.81 -8.38
N HIS A 60 6.68 5.14 -9.42
CA HIS A 60 5.70 5.74 -10.31
C HIS A 60 4.39 6.08 -9.60
N LEU A 61 4.13 5.42 -8.47
CA LEU A 61 2.97 5.73 -7.64
C LEU A 61 3.03 7.16 -7.09
N ASP A 62 4.23 7.76 -7.05
CA ASP A 62 4.38 9.13 -6.58
C ASP A 62 4.50 10.18 -7.68
N LYS A 63 4.25 9.77 -8.93
CA LYS A 63 4.21 10.70 -10.04
C LYS A 63 2.94 11.54 -9.94
N LEU A 64 3.10 12.87 -9.94
CA LEU A 64 1.99 13.78 -9.80
C LEU A 64 1.30 13.97 -11.14
N ILE A 65 -0.03 13.74 -11.15
CA ILE A 65 -0.87 14.01 -12.32
C ILE A 65 -1.70 15.26 -12.06
N THR A 66 -1.56 16.27 -12.92
CA THR A 66 -2.38 17.47 -12.85
C THR A 66 -3.54 17.33 -13.82
N TYR A 67 -4.66 17.95 -13.43
CA TYR A 67 -5.89 17.89 -14.20
C TYR A 67 -6.72 19.10 -13.77
N THR A 68 -7.81 19.35 -14.50
CA THR A 68 -8.66 20.50 -14.23
C THR A 68 -10.05 20.09 -13.76
N SER A 69 -10.78 21.06 -13.19
CA SER A 69 -12.17 20.84 -12.79
C SER A 69 -13.01 20.34 -13.95
N ASP A 70 -12.63 20.73 -15.17
CA ASP A 70 -13.34 20.31 -16.37
C ASP A 70 -12.99 18.91 -16.86
N ASP A 71 -12.02 18.25 -16.20
CA ASP A 71 -11.80 16.82 -16.41
C ASP A 71 -12.79 15.97 -15.63
N ILE A 72 -13.54 16.60 -14.71
CA ILE A 72 -14.57 15.91 -13.95
C ILE A 72 -15.89 15.99 -14.70
N ARG A 73 -16.26 14.88 -15.36
CA ARG A 73 -17.53 14.72 -16.04
C ARG A 73 -18.31 13.52 -15.49
N SER A 74 -17.84 12.99 -14.36
CA SER A 74 -18.46 11.83 -13.73
C SER A 74 -18.27 11.95 -12.22
N ARG A 75 -19.06 11.18 -11.46
CA ARG A 75 -19.01 11.20 -10.01
C ARG A 75 -17.59 10.92 -9.51
N SER A 76 -16.97 11.93 -8.90
CA SER A 76 -15.56 11.90 -8.56
C SER A 76 -15.29 12.59 -7.22
N PRO A 77 -15.74 11.98 -6.09
CA PRO A 77 -15.67 12.64 -4.80
C PRO A 77 -14.25 12.93 -4.30
N VAL A 78 -13.26 12.14 -4.71
CA VAL A 78 -11.89 12.38 -4.31
C VAL A 78 -11.23 13.37 -5.25
N ALA A 79 -11.34 13.14 -6.58
CA ALA A 79 -10.64 13.97 -7.55
C ALA A 79 -11.06 15.43 -7.45
N GLN A 80 -12.33 15.67 -7.12
CA GLN A 80 -12.81 17.04 -6.95
C GLN A 80 -12.10 17.77 -5.81
N GLN A 81 -11.71 17.04 -4.76
CA GLN A 81 -10.99 17.63 -3.64
C GLN A 81 -9.59 18.13 -4.01
N HIS A 82 -9.02 17.65 -5.13
CA HIS A 82 -7.63 17.91 -5.46
C HIS A 82 -7.41 18.48 -6.86
N VAL A 83 -8.44 19.13 -7.41
CA VAL A 83 -8.34 19.74 -8.73
C VAL A 83 -7.24 20.82 -8.79
N GLN A 84 -6.61 20.99 -9.96
CA GLN A 84 -5.56 21.97 -10.18
C GLN A 84 -4.23 21.52 -9.57
N THR A 85 -4.20 21.25 -8.26
CA THR A 85 -2.96 20.80 -7.63
C THR A 85 -2.60 19.37 -8.02
N GLY A 86 -3.60 18.54 -8.26
CA GLY A 86 -3.37 17.23 -8.84
C GLY A 86 -3.30 16.12 -7.80
N MET A 87 -3.11 14.89 -8.31
CA MET A 87 -3.08 13.70 -7.49
C MET A 87 -1.98 12.81 -8.05
N THR A 88 -1.28 12.10 -7.16
CA THR A 88 -0.31 11.11 -7.59
C THR A 88 -1.03 9.88 -8.13
N ILE A 89 -0.31 9.07 -8.92
CA ILE A 89 -0.83 7.81 -9.44
C ILE A 89 -1.35 6.94 -8.30
N GLY A 90 -0.59 6.85 -7.21
CA GLY A 90 -1.01 6.09 -6.04
C GLY A 90 -2.33 6.58 -5.44
N GLN A 91 -2.46 7.90 -5.31
CA GLN A 91 -3.70 8.50 -4.83
C GLN A 91 -4.85 8.19 -5.79
N LEU A 92 -4.57 8.18 -7.09
CA LEU A 92 -5.58 7.91 -8.08
C LEU A 92 -6.04 6.45 -8.00
N CYS A 93 -5.09 5.54 -7.77
CA CYS A 93 -5.37 4.13 -7.59
C CYS A 93 -6.28 3.91 -6.38
N ASP A 94 -5.91 4.53 -5.26
CA ASP A 94 -6.69 4.48 -4.04
C ASP A 94 -8.11 4.97 -4.29
N ALA A 95 -8.24 6.12 -4.95
CA ALA A 95 -9.54 6.71 -5.20
C ALA A 95 -10.40 5.87 -6.16
N ALA A 96 -9.75 5.33 -7.20
CA ALA A 96 -10.46 4.56 -8.21
C ALA A 96 -11.03 3.29 -7.59
N ILE A 97 -10.25 2.61 -6.74
CA ILE A 97 -10.72 1.38 -6.12
C ILE A 97 -11.65 1.61 -4.92
N ARG A 98 -11.27 2.51 -4.02
CA ARG A 98 -11.95 2.61 -2.73
C ARG A 98 -13.23 3.43 -2.79
N TYR A 99 -13.31 4.38 -3.72
CA TYR A 99 -14.48 5.23 -3.91
C TYR A 99 -15.13 5.10 -5.28
N SER A 100 -14.54 4.28 -6.16
CA SER A 100 -15.05 4.20 -7.53
C SER A 100 -15.02 5.53 -8.26
N ASP A 101 -14.04 6.38 -7.90
CA ASP A 101 -13.95 7.72 -8.47
C ASP A 101 -13.79 7.62 -9.99
N GLY A 102 -14.65 8.34 -10.71
CA GLY A 102 -14.69 8.28 -12.16
C GLY A 102 -13.50 8.96 -12.85
N THR A 103 -13.17 10.17 -12.39
CA THR A 103 -12.07 10.91 -12.99
C THR A 103 -10.74 10.22 -12.70
N ALA A 104 -10.59 9.68 -11.50
CA ALA A 104 -9.38 8.95 -11.15
C ALA A 104 -9.11 7.83 -12.14
N ALA A 105 -10.17 7.06 -12.47
CA ALA A 105 -10.07 5.99 -13.44
C ALA A 105 -9.71 6.49 -14.84
N ASN A 106 -10.33 7.60 -15.27
CA ASN A 106 -10.00 8.19 -16.56
C ASN A 106 -8.53 8.61 -16.63
N LEU A 107 -8.02 9.17 -15.53
CA LEU A 107 -6.63 9.64 -15.50
C LEU A 107 -5.68 8.45 -15.52
N LEU A 108 -6.07 7.35 -14.86
CA LEU A 108 -5.27 6.14 -14.92
C LEU A 108 -5.28 5.54 -16.32
N LEU A 109 -6.42 5.60 -17.00
CA LEU A 109 -6.50 5.17 -18.38
C LEU A 109 -5.53 5.97 -19.26
N ALA A 110 -5.48 7.28 -19.05
CA ALA A 110 -4.59 8.16 -19.80
C ALA A 110 -3.13 7.86 -19.48
N ASP A 111 -2.85 7.53 -18.21
CA ASP A 111 -1.51 7.13 -17.84
C ASP A 111 -1.10 5.84 -18.54
N LEU A 112 -2.04 4.90 -18.66
CA LEU A 112 -1.74 3.61 -19.24
C LEU A 112 -1.53 3.68 -20.76
N GLY A 113 -2.42 4.40 -21.46
CA GLY A 113 -2.46 4.34 -22.90
C GLY A 113 -2.47 5.67 -23.64
N GLY A 114 -2.23 6.77 -22.91
CA GLY A 114 -2.37 8.10 -23.47
C GLY A 114 -3.82 8.54 -23.61
N PRO A 115 -4.10 9.81 -24.00
CA PRO A 115 -5.47 10.32 -23.97
C PRO A 115 -6.42 9.63 -24.93
N GLY A 116 -5.88 9.20 -26.09
CA GLY A 116 -6.70 8.52 -27.09
C GLY A 116 -6.71 7.01 -26.95
N GLY A 117 -5.66 6.46 -26.34
CA GLY A 117 -5.38 5.03 -26.37
C GLY A 117 -5.67 4.26 -25.08
N GLY A 118 -6.18 4.95 -24.06
CA GLY A 118 -6.40 4.37 -22.74
C GLY A 118 -7.29 3.12 -22.70
N THR A 119 -8.48 3.21 -23.32
CA THR A 119 -9.40 2.07 -23.29
C THR A 119 -8.88 0.88 -24.08
N ALA A 120 -8.22 1.12 -25.22
CA ALA A 120 -7.57 0.05 -25.95
C ALA A 120 -6.46 -0.59 -25.12
N ALA A 121 -5.66 0.23 -24.44
CA ALA A 121 -4.53 -0.28 -23.67
C ALA A 121 -5.00 -1.11 -22.49
N PHE A 122 -6.07 -0.65 -21.84
CA PHE A 122 -6.68 -1.42 -20.75
C PHE A 122 -7.16 -2.79 -21.25
N THR A 123 -7.90 -2.78 -22.37
CA THR A 123 -8.38 -4.00 -22.98
C THR A 123 -7.20 -4.91 -23.29
N GLY A 124 -6.12 -4.32 -23.81
CA GLY A 124 -4.88 -5.03 -24.11
C GLY A 124 -4.23 -5.69 -22.90
N TYR A 125 -4.31 -5.04 -21.73
CA TYR A 125 -3.85 -5.65 -20.50
C TYR A 125 -4.61 -6.95 -20.22
N LEU A 126 -5.94 -6.91 -20.40
CA LEU A 126 -6.76 -8.10 -20.25
C LEU A 126 -6.34 -9.18 -21.24
N ARG A 127 -6.03 -8.77 -22.49
CA ARG A 127 -5.57 -9.69 -23.50
C ARG A 127 -4.27 -10.38 -23.06
N SER A 128 -3.39 -9.63 -22.37
CA SER A 128 -2.14 -10.19 -21.89
C SER A 128 -2.36 -11.23 -20.79
N LEU A 129 -3.53 -11.16 -20.13
CA LEU A 129 -3.94 -12.16 -19.16
C LEU A 129 -4.86 -13.22 -19.76
N GLY A 130 -4.86 -13.35 -21.08
CA GLY A 130 -5.63 -14.41 -21.75
C GLY A 130 -7.14 -14.18 -21.87
N ASP A 131 -7.61 -13.00 -21.46
CA ASP A 131 -9.01 -12.63 -21.63
C ASP A 131 -9.19 -12.00 -23.02
N THR A 132 -9.77 -12.79 -23.93
CA THR A 132 -10.01 -12.35 -25.29
C THR A 132 -11.45 -11.93 -25.52
N VAL A 133 -12.25 -11.94 -24.44
CA VAL A 133 -13.68 -11.70 -24.52
C VAL A 133 -14.04 -10.27 -24.12
N SER A 134 -13.49 -9.80 -23.01
CA SER A 134 -13.88 -8.50 -22.47
C SER A 134 -13.40 -7.37 -23.39
N ARG A 135 -14.13 -6.25 -23.34
CA ARG A 135 -13.76 -5.08 -24.12
C ARG A 135 -14.19 -3.81 -23.40
N LEU A 136 -13.27 -2.83 -23.38
CA LEU A 136 -13.56 -1.52 -22.87
C LEU A 136 -13.36 -0.56 -24.05
N ASP A 137 -14.42 0.17 -24.34
CA ASP A 137 -14.52 1.00 -25.53
C ASP A 137 -14.66 2.48 -25.23
N ALA A 138 -15.19 2.80 -24.03
CA ALA A 138 -15.43 4.18 -23.64
C ALA A 138 -14.90 4.35 -22.23
N GLU A 139 -14.77 5.60 -21.79
CA GLU A 139 -14.37 5.87 -20.43
C GLU A 139 -15.57 6.42 -19.66
N GLU A 140 -15.33 6.89 -18.44
CA GLU A 140 -16.38 7.44 -17.58
C GLU A 140 -16.89 8.77 -18.12
N PRO A 141 -18.20 9.07 -18.11
CA PRO A 141 -19.24 8.17 -17.58
C PRO A 141 -19.91 7.25 -18.61
N GLU A 142 -19.51 7.36 -19.89
CA GLU A 142 -20.18 6.65 -20.96
C GLU A 142 -20.19 5.12 -20.84
N LEU A 143 -19.13 4.55 -20.25
CA LEU A 143 -19.02 3.10 -20.14
C LEU A 143 -20.12 2.47 -19.28
N ASN A 144 -20.77 3.30 -18.44
CA ASN A 144 -21.85 2.84 -17.59
C ASN A 144 -23.23 2.84 -18.25
N ARG A 145 -23.32 3.29 -19.50
CA ARG A 145 -24.59 3.66 -20.11
C ARG A 145 -24.95 3.02 -21.44
N ASP A 146 -24.17 2.03 -21.87
CA ASP A 146 -24.43 1.40 -23.16
C ASP A 146 -25.77 0.68 -23.11
N PRO A 147 -26.53 0.65 -24.22
CA PRO A 147 -27.80 -0.05 -24.24
C PRO A 147 -27.67 -1.54 -23.95
N PRO A 148 -28.70 -2.18 -23.36
CA PRO A 148 -28.74 -3.64 -23.25
C PRO A 148 -28.52 -4.30 -24.62
N GLY A 149 -27.77 -5.39 -24.63
CA GLY A 149 -27.48 -6.11 -25.86
C GLY A 149 -26.23 -5.60 -26.59
N ASP A 150 -25.76 -4.39 -26.24
CA ASP A 150 -24.56 -3.85 -26.86
C ASP A 150 -23.36 -4.54 -26.22
N GLU A 151 -22.41 -5.01 -27.05
CA GLU A 151 -21.21 -5.66 -26.53
C GLU A 151 -20.18 -4.67 -25.97
N ARG A 152 -20.32 -3.38 -26.30
CA ARG A 152 -19.30 -2.43 -25.89
C ARG A 152 -19.25 -2.33 -24.37
N ASP A 153 -18.04 -2.18 -23.83
CA ASP A 153 -17.83 -1.99 -22.40
C ASP A 153 -18.34 -3.13 -21.53
N THR A 154 -18.31 -4.36 -22.08
CA THR A 154 -18.77 -5.54 -21.36
C THR A 154 -17.66 -6.52 -21.05
N THR A 155 -17.90 -7.31 -20.00
CA THR A 155 -17.13 -8.50 -19.69
C THR A 155 -18.16 -9.62 -19.50
N THR A 156 -17.70 -10.77 -19.00
CA THR A 156 -18.60 -11.83 -18.60
C THR A 156 -18.20 -12.22 -17.17
N PRO A 157 -19.10 -12.80 -16.36
CA PRO A 157 -18.70 -13.32 -15.06
C PRO A 157 -17.49 -14.24 -15.12
N HIS A 158 -17.48 -15.15 -16.09
CA HIS A 158 -16.39 -16.10 -16.25
C HIS A 158 -15.08 -15.39 -16.55
N ALA A 159 -15.11 -14.46 -17.50
CA ALA A 159 -13.91 -13.78 -17.96
C ALA A 159 -13.30 -12.94 -16.84
N ILE A 160 -14.13 -12.16 -16.13
CA ILE A 160 -13.61 -11.23 -15.13
C ILE A 160 -13.15 -12.00 -13.90
N ALA A 161 -13.81 -13.13 -13.61
CA ALA A 161 -13.37 -13.99 -12.52
C ALA A 161 -11.97 -14.55 -12.76
N LEU A 162 -11.68 -15.00 -13.98
CA LEU A 162 -10.38 -15.55 -14.29
C LEU A 162 -9.28 -14.49 -14.25
N VAL A 163 -9.63 -13.27 -14.65
CA VAL A 163 -8.72 -12.15 -14.56
C VAL A 163 -8.38 -11.88 -13.11
N LEU A 164 -9.41 -11.70 -12.28
CA LEU A 164 -9.19 -11.39 -10.88
C LEU A 164 -8.42 -12.51 -10.18
N GLN A 165 -8.69 -13.76 -10.58
CA GLN A 165 -7.98 -14.91 -10.04
C GLN A 165 -6.47 -14.81 -10.29
N GLN A 166 -6.09 -14.46 -11.52
CA GLN A 166 -4.68 -14.28 -11.85
C GLN A 166 -4.07 -13.12 -11.07
N LEU A 167 -4.83 -12.04 -10.87
CA LEU A 167 -4.30 -10.85 -10.20
C LEU A 167 -4.09 -11.06 -8.71
N VAL A 168 -5.03 -11.74 -8.05
CA VAL A 168 -5.02 -11.85 -6.60
C VAL A 168 -4.43 -13.17 -6.09
N LEU A 169 -4.76 -14.28 -6.77
CA LEU A 169 -4.28 -15.60 -6.36
C LEU A 169 -3.13 -16.12 -7.19
N GLY A 170 -2.99 -15.62 -8.42
CA GLY A 170 -1.89 -15.99 -9.30
C GLY A 170 -0.73 -15.00 -9.21
N ASN A 171 0.18 -15.11 -10.19
CA ASN A 171 1.39 -14.31 -10.19
C ASN A 171 1.47 -13.34 -11.36
N ALA A 172 0.32 -12.82 -11.80
CA ALA A 172 0.28 -11.71 -12.73
C ALA A 172 1.06 -10.51 -12.23
N LEU A 173 1.02 -10.25 -10.92
CA LEU A 173 1.77 -9.17 -10.30
C LEU A 173 2.81 -9.72 -9.35
N PRO A 174 3.98 -9.05 -9.20
CA PRO A 174 4.89 -9.37 -8.10
C PRO A 174 4.23 -9.14 -6.74
N PRO A 175 4.66 -9.87 -5.69
CA PRO A 175 4.02 -9.80 -4.38
C PRO A 175 3.77 -8.40 -3.84
N ASP A 176 4.73 -7.49 -4.00
CA ASP A 176 4.60 -6.14 -3.45
C ASP A 176 3.47 -5.38 -4.14
N LYS A 177 3.42 -5.45 -5.47
CA LYS A 177 2.34 -4.79 -6.22
C LYS A 177 1.01 -5.47 -5.99
N ARG A 178 1.00 -6.81 -5.96
CA ARG A 178 -0.20 -7.57 -5.62
C ARG A 178 -0.80 -7.12 -4.28
N ALA A 179 0.06 -6.92 -3.29
CA ALA A 179 -0.39 -6.53 -1.95
C ALA A 179 -1.06 -5.16 -1.93
N LEU A 180 -0.57 -4.23 -2.76
CA LEU A 180 -1.18 -2.91 -2.86
C LEU A 180 -2.59 -3.01 -3.43
N LEU A 181 -2.75 -3.80 -4.49
CA LEU A 181 -4.05 -4.00 -5.10
C LEU A 181 -5.02 -4.62 -4.10
N THR A 182 -4.59 -5.71 -3.44
CA THR A 182 -5.46 -6.42 -2.50
C THR A 182 -5.80 -5.51 -1.33
N ASP A 183 -4.83 -4.70 -0.87
CA ASP A 183 -5.07 -3.76 0.23
C ASP A 183 -6.08 -2.67 -0.10
N TRP A 184 -5.98 -2.08 -1.29
CA TRP A 184 -6.98 -1.09 -1.70
C TRP A 184 -8.37 -1.72 -1.77
N MET A 185 -8.47 -2.96 -2.28
CA MET A 185 -9.74 -3.65 -2.40
C MET A 185 -10.31 -3.95 -1.00
N ALA A 186 -9.41 -4.30 -0.07
CA ALA A 186 -9.81 -4.62 1.30
C ALA A 186 -10.33 -3.40 2.05
N ARG A 187 -9.89 -2.21 1.64
CA ARG A 187 -10.29 -0.98 2.31
C ARG A 187 -11.32 -0.19 1.50
N ASN A 188 -12.03 -0.86 0.58
CA ASN A 188 -12.99 -0.12 -0.21
C ASN A 188 -14.20 0.24 0.65
N THR A 189 -14.86 1.34 0.27
CA THR A 189 -15.98 1.89 0.99
C THR A 189 -17.35 1.58 0.36
N THR A 190 -17.35 0.85 -0.77
CA THR A 190 -18.56 0.69 -1.57
C THR A 190 -19.21 -0.69 -1.57
N GLY A 191 -18.57 -1.71 -0.98
CA GLY A 191 -18.95 -3.10 -1.23
C GLY A 191 -19.61 -3.88 -0.09
N ALA A 192 -19.95 -3.19 1.00
CA ALA A 192 -20.41 -3.86 2.21
C ALA A 192 -21.72 -4.62 2.04
N LYS A 193 -22.57 -4.19 1.10
CA LYS A 193 -23.90 -4.76 0.93
C LYS A 193 -24.02 -5.74 -0.24
N ARG A 194 -22.87 -6.14 -0.81
CA ARG A 194 -22.86 -7.03 -1.96
C ARG A 194 -22.24 -8.36 -1.54
N ILE A 195 -21.14 -8.80 -2.16
CA ILE A 195 -20.62 -10.13 -1.86
C ILE A 195 -20.27 -10.27 -0.38
N ARG A 196 -19.70 -9.21 0.21
CA ARG A 196 -19.37 -9.23 1.63
C ARG A 196 -20.56 -9.63 2.49
N ALA A 197 -21.75 -9.15 2.12
CA ALA A 197 -22.96 -9.39 2.87
C ALA A 197 -23.48 -10.83 2.77
N GLY A 198 -22.94 -11.59 1.82
CA GLY A 198 -23.31 -13.00 1.64
C GLY A 198 -22.38 -14.03 2.27
N PHE A 199 -21.23 -13.57 2.80
CA PHE A 199 -20.26 -14.47 3.43
C PHE A 199 -20.17 -14.21 4.93
N PRO A 200 -20.06 -15.26 5.78
CA PRO A 200 -19.92 -15.06 7.22
C PRO A 200 -18.68 -14.22 7.56
N ALA A 201 -18.73 -13.55 8.71
CA ALA A 201 -17.74 -12.56 9.08
C ALA A 201 -16.34 -13.14 9.24
N ASP A 202 -16.25 -14.45 9.53
CA ASP A 202 -14.96 -15.11 9.66
C ASP A 202 -14.35 -15.53 8.33
N TRP A 203 -15.06 -15.27 7.22
CA TRP A 203 -14.45 -15.30 5.89
C TRP A 203 -13.91 -13.91 5.55
N LYS A 204 -12.70 -13.87 4.97
CA LYS A 204 -12.13 -12.63 4.50
C LYS A 204 -12.69 -12.34 3.10
N VAL A 205 -13.00 -11.06 2.83
CA VAL A 205 -13.52 -10.64 1.54
C VAL A 205 -12.83 -9.35 1.10
N ILE A 206 -12.33 -9.35 -0.15
CA ILE A 206 -11.91 -8.13 -0.82
C ILE A 206 -12.72 -8.07 -2.12
N ASP A 207 -13.12 -6.86 -2.51
CA ASP A 207 -13.97 -6.74 -3.69
C ASP A 207 -13.82 -5.40 -4.42
N LYS A 208 -14.38 -5.37 -5.63
CA LYS A 208 -14.52 -4.13 -6.38
C LYS A 208 -15.93 -4.14 -6.95
N THR A 209 -16.69 -3.09 -6.64
CA THR A 209 -18.05 -2.95 -7.14
C THR A 209 -18.12 -2.26 -8.49
N GLY A 210 -19.28 -2.43 -9.14
CA GLY A 210 -19.71 -1.57 -10.22
C GLY A 210 -21.22 -1.32 -10.19
N THR A 211 -21.61 -0.12 -10.63
CA THR A 211 -23.00 0.26 -10.71
C THR A 211 -23.18 1.09 -11.98
N GLY A 212 -24.34 0.95 -12.63
CA GLY A 212 -24.58 1.64 -13.89
C GLY A 212 -26.06 1.87 -14.15
N ASP A 213 -26.35 2.43 -15.33
CA ASP A 213 -27.73 2.56 -15.80
C ASP A 213 -28.32 1.17 -16.05
N TYR A 214 -29.61 1.14 -16.36
CA TYR A 214 -30.36 -0.08 -16.58
C TYR A 214 -30.31 -1.00 -15.36
N GLY A 215 -30.23 -0.38 -14.17
CA GLY A 215 -30.21 -1.13 -12.92
C GLY A 215 -29.00 -2.03 -12.75
N ARG A 216 -27.88 -1.64 -13.36
CA ARG A 216 -26.67 -2.46 -13.30
C ARG A 216 -26.02 -2.43 -11.93
N ALA A 217 -25.72 -3.62 -11.41
CA ALA A 217 -25.03 -3.72 -10.14
C ALA A 217 -24.18 -4.98 -10.18
N ASN A 218 -22.87 -4.80 -10.00
CA ASN A 218 -21.90 -5.88 -10.06
C ASN A 218 -20.99 -5.86 -8.84
N ASP A 219 -20.38 -7.01 -8.59
CA ASP A 219 -19.33 -7.11 -7.59
C ASP A 219 -18.42 -8.27 -7.98
N ILE A 220 -17.10 -8.04 -7.92
CA ILE A 220 -16.15 -9.12 -8.09
C ILE A 220 -15.31 -9.18 -6.82
N ALA A 221 -14.99 -10.40 -6.40
CA ALA A 221 -14.38 -10.58 -5.09
C ALA A 221 -13.47 -11.78 -5.06
N VAL A 222 -12.51 -11.74 -4.13
CA VAL A 222 -11.82 -12.93 -3.68
C VAL A 222 -12.16 -13.09 -2.21
N VAL A 223 -12.47 -14.32 -1.83
CA VAL A 223 -12.82 -14.64 -0.46
C VAL A 223 -11.90 -15.77 0.02
N TRP A 224 -11.67 -15.81 1.33
CA TRP A 224 -10.89 -16.86 1.97
C TRP A 224 -11.72 -17.43 3.13
N SER A 225 -11.76 -18.76 3.22
CA SER A 225 -12.44 -19.43 4.32
C SER A 225 -11.74 -19.12 5.65
N PRO A 226 -12.34 -19.46 6.81
CA PRO A 226 -11.66 -19.27 8.10
C PRO A 226 -10.32 -19.98 8.22
N THR A 227 -10.13 -21.06 7.43
CA THR A 227 -8.87 -21.77 7.36
C THR A 227 -8.01 -21.39 6.16
N GLY A 228 -8.37 -20.30 5.46
CA GLY A 228 -7.53 -19.72 4.43
C GLY A 228 -7.71 -20.25 3.00
N VAL A 229 -8.77 -21.01 2.75
CA VAL A 229 -9.02 -21.60 1.45
C VAL A 229 -9.69 -20.55 0.55
N PRO A 230 -9.08 -20.20 -0.62
CA PRO A 230 -9.58 -19.10 -1.43
C PRO A 230 -10.56 -19.51 -2.53
N TYR A 231 -11.50 -18.60 -2.81
CA TYR A 231 -12.40 -18.72 -3.95
C TYR A 231 -12.54 -17.35 -4.60
N VAL A 232 -12.81 -17.35 -5.90
CA VAL A 232 -13.09 -16.13 -6.64
C VAL A 232 -14.59 -16.11 -6.95
N VAL A 233 -15.22 -14.96 -6.71
CA VAL A 233 -16.65 -14.82 -6.92
C VAL A 233 -16.96 -13.59 -7.77
N ALA A 234 -17.59 -13.81 -8.92
CA ALA A 234 -18.08 -12.74 -9.79
C ALA A 234 -19.60 -12.80 -9.85
N VAL A 235 -20.25 -11.67 -9.53
N VAL A 235 -20.26 -11.70 -9.48
CA VAL A 235 -21.69 -11.56 -9.53
CA VAL A 235 -21.71 -11.60 -9.56
C VAL A 235 -22.04 -10.28 -10.29
C VAL A 235 -22.04 -10.29 -10.30
N MET A 236 -22.84 -10.43 -11.36
CA MET A 236 -23.19 -9.32 -12.23
C MET A 236 -24.71 -9.32 -12.39
N SER A 237 -25.29 -8.13 -12.54
CA SER A 237 -26.74 -8.03 -12.67
C SER A 237 -27.15 -6.76 -13.41
N ASP A 238 -28.35 -6.81 -14.00
CA ASP A 238 -29.01 -5.63 -14.52
C ASP A 238 -30.51 -5.85 -14.40
N ARG A 239 -31.24 -4.74 -14.56
CA ARG A 239 -32.69 -4.74 -14.51
C ARG A 239 -33.20 -3.94 -15.70
N ALA A 240 -32.69 -4.32 -16.89
CA ALA A 240 -32.83 -3.51 -18.09
C ALA A 240 -34.27 -3.28 -18.51
N GLY A 241 -35.14 -4.23 -18.14
CA GLY A 241 -36.57 -4.10 -18.40
C GLY A 241 -37.20 -2.84 -17.83
N GLY A 242 -36.61 -2.31 -16.74
CA GLY A 242 -37.07 -1.06 -16.14
C GLY A 242 -36.64 0.24 -16.84
N GLY A 243 -35.82 0.12 -17.90
CA GLY A 243 -35.29 1.29 -18.61
C GLY A 243 -34.00 1.82 -17.97
N TYR A 244 -33.45 2.91 -18.54
CA TYR A 244 -32.13 3.38 -18.18
C TYR A 244 -32.09 3.72 -16.68
N ASP A 245 -33.23 4.19 -16.14
CA ASP A 245 -33.30 4.61 -14.75
C ASP A 245 -33.85 3.55 -13.79
N ALA A 246 -33.85 2.28 -14.20
CA ALA A 246 -34.20 1.19 -13.30
C ALA A 246 -33.29 1.19 -12.07
N GLU A 247 -33.86 0.92 -10.90
CA GLU A 247 -33.09 0.94 -9.66
C GLU A 247 -32.20 -0.30 -9.57
N PRO A 248 -30.88 -0.15 -9.30
CA PRO A 248 -30.07 -1.32 -8.96
C PRO A 248 -30.54 -1.98 -7.66
N ARG A 249 -30.30 -3.29 -7.53
CA ARG A 249 -30.64 -4.03 -6.33
C ARG A 249 -29.42 -4.74 -5.75
N GLU A 250 -28.77 -4.09 -4.79
CA GLU A 250 -27.61 -4.67 -4.13
C GLU A 250 -27.97 -6.00 -3.45
N ALA A 251 -29.19 -6.09 -2.91
CA ALA A 251 -29.59 -7.25 -2.16
C ALA A 251 -29.62 -8.51 -3.05
N LEU A 252 -29.82 -8.32 -4.35
CA LEU A 252 -29.74 -9.42 -5.30
C LEU A 252 -28.35 -10.05 -5.28
N LEU A 253 -27.32 -9.20 -5.22
CA LEU A 253 -25.95 -9.67 -5.23
C LEU A 253 -25.62 -10.35 -3.90
N ALA A 254 -26.10 -9.76 -2.80
CA ALA A 254 -25.91 -10.35 -1.48
C ALA A 254 -26.54 -11.74 -1.44
N GLU A 255 -27.74 -11.88 -2.01
CA GLU A 255 -28.39 -13.18 -2.08
C GLU A 255 -27.63 -14.18 -2.93
N ALA A 256 -27.17 -13.78 -4.11
CA ALA A 256 -26.37 -14.64 -4.95
C ALA A 256 -25.13 -15.11 -4.22
N ALA A 257 -24.46 -14.17 -3.53
CA ALA A 257 -23.31 -14.52 -2.70
C ALA A 257 -23.63 -15.50 -1.58
N THR A 258 -24.78 -15.33 -0.93
CA THR A 258 -25.23 -16.25 0.10
C THR A 258 -25.39 -17.67 -0.48
N CYS A 259 -26.00 -17.79 -1.66
CA CYS A 259 -26.15 -19.08 -2.32
C CYS A 259 -24.79 -19.74 -2.51
N VAL A 260 -23.81 -18.97 -3.02
CA VAL A 260 -22.46 -19.47 -3.23
C VAL A 260 -21.83 -19.90 -1.90
N ALA A 261 -21.88 -19.02 -0.89
CA ALA A 261 -21.32 -19.34 0.41
C ALA A 261 -21.87 -20.64 0.98
N GLY A 262 -23.18 -20.85 0.80
CA GLY A 262 -23.83 -22.07 1.25
C GLY A 262 -23.21 -23.33 0.64
N VAL A 263 -22.87 -23.26 -0.65
CA VAL A 263 -22.29 -24.39 -1.36
C VAL A 263 -20.83 -24.60 -0.95
N LEU A 264 -20.10 -23.49 -0.73
CA LEU A 264 -18.68 -23.57 -0.40
C LEU A 264 -18.41 -23.86 1.07
N ALA A 265 -19.43 -23.70 1.93
CA ALA A 265 -19.26 -23.89 3.36
C ALA A 265 -18.78 -25.31 3.69
N ASP B 1 41.24 -4.95 6.98
CA ASP B 1 39.93 -5.30 6.48
C ASP B 1 38.90 -4.36 7.08
N LEU B 2 37.70 -4.84 7.42
CA LEU B 2 36.54 -3.99 7.46
C LEU B 2 36.59 -2.96 8.59
N ALA B 3 37.01 -3.41 9.78
CA ALA B 3 37.07 -2.54 10.95
C ALA B 3 38.07 -1.39 10.74
N ASP B 4 39.22 -1.71 10.12
CA ASP B 4 40.20 -0.70 9.78
C ASP B 4 39.64 0.32 8.80
N ARG B 5 38.86 -0.17 7.84
CA ARG B 5 38.28 0.71 6.83
C ARG B 5 37.25 1.64 7.47
N PHE B 6 36.41 1.10 8.39
CA PHE B 6 35.46 1.92 9.12
C PHE B 6 36.17 2.94 10.01
N ALA B 7 37.27 2.52 10.66
CA ALA B 7 38.03 3.42 11.49
C ALA B 7 38.60 4.58 10.69
N GLU B 8 39.03 4.32 9.43
CA GLU B 8 39.53 5.37 8.58
C GLU B 8 38.43 6.38 8.20
N LEU B 9 37.20 5.87 7.97
CA LEU B 9 36.07 6.75 7.74
C LEU B 9 35.89 7.70 8.94
N GLU B 10 35.97 7.15 10.14
CA GLU B 10 35.81 7.94 11.34
C GLU B 10 36.86 9.04 11.42
N ARG B 11 38.13 8.69 11.14
CA ARG B 11 39.19 9.68 11.20
C ARG B 11 38.95 10.79 10.18
N ARG B 12 38.67 10.41 8.94
CA ARG B 12 38.54 11.36 7.85
C ARG B 12 37.36 12.31 8.05
N TYR B 13 36.23 11.77 8.51
CA TYR B 13 35.04 12.57 8.73
C TYR B 13 34.93 13.15 10.14
N ASP B 14 35.91 12.84 11.00
CA ASP B 14 35.87 13.26 12.39
C ASP B 14 34.52 12.85 12.98
N ALA B 15 34.21 11.55 12.88
CA ALA B 15 32.88 11.04 13.17
C ALA B 15 32.95 9.77 14.01
N ARG B 16 31.81 9.44 14.60
CA ARG B 16 31.58 8.13 15.19
C ARG B 16 30.59 7.41 14.29
N LEU B 17 30.94 6.17 13.92
CA LEU B 17 30.18 5.37 12.96
C LEU B 17 29.76 4.06 13.60
N GLY B 18 28.48 3.71 13.43
CA GLY B 18 27.95 2.44 13.90
C GLY B 18 27.35 1.66 12.74
N VAL B 19 27.71 0.37 12.64
CA VAL B 19 27.27 -0.48 11.55
C VAL B 19 26.83 -1.83 12.09
N TYR B 20 25.65 -2.29 11.65
CA TYR B 20 25.24 -3.65 11.90
C TYR B 20 24.50 -4.25 10.71
N VAL B 21 24.92 -5.46 10.35
CA VAL B 21 24.25 -6.30 9.36
C VAL B 21 24.09 -7.69 9.99
N PRO B 22 22.84 -8.16 10.24
CA PRO B 22 22.65 -9.49 10.82
C PRO B 22 23.24 -10.60 9.96
N ALA B 23 23.63 -11.70 10.62
CA ALA B 23 24.12 -12.87 9.92
C ALA B 23 23.02 -13.44 9.05
N THR B 24 23.42 -14.09 7.95
CA THR B 24 22.51 -14.77 7.04
C THR B 24 23.02 -16.18 6.81
N GLY B 25 22.31 -16.93 5.95
CA GLY B 25 22.75 -18.25 5.54
C GLY B 25 24.19 -18.32 5.02
N THR B 26 24.68 -17.22 4.42
CA THR B 26 26.01 -17.22 3.81
C THR B 26 26.99 -16.18 4.34
N THR B 27 26.54 -15.29 5.23
CA THR B 27 27.38 -14.17 5.67
C THR B 27 27.32 -14.04 7.18
N ALA B 28 28.50 -13.85 7.79
CA ALA B 28 28.57 -13.57 9.21
C ALA B 28 28.04 -12.17 9.47
N ALA B 29 27.64 -11.92 10.73
CA ALA B 29 27.21 -10.59 11.14
C ALA B 29 28.35 -9.60 10.93
N ILE B 30 27.99 -8.37 10.54
CA ILE B 30 28.93 -7.26 10.47
C ILE B 30 28.61 -6.33 11.63
N GLU B 31 29.63 -6.05 12.45
CA GLU B 31 29.48 -5.26 13.66
C GLU B 31 30.62 -4.25 13.81
N TYR B 32 30.26 -2.96 13.90
CA TYR B 32 31.21 -1.91 14.22
C TYR B 32 30.50 -0.89 15.09
N ARG B 33 30.92 -0.81 16.36
CA ARG B 33 30.22 -0.03 17.38
C ARG B 33 28.72 -0.34 17.37
N ALA B 34 28.38 -1.60 17.11
CA ALA B 34 27.00 -1.99 16.88
C ALA B 34 26.16 -1.96 18.15
N ASP B 35 26.81 -1.97 19.32
CA ASP B 35 26.11 -1.88 20.58
C ASP B 35 26.28 -0.55 21.32
N GLU B 36 26.90 0.44 20.67
CA GLU B 36 26.95 1.79 21.18
C GLU B 36 25.63 2.47 20.84
N ARG B 37 25.20 3.40 21.71
CA ARG B 37 23.95 4.11 21.49
C ARG B 37 24.15 5.27 20.52
N PHE B 38 23.21 5.41 19.58
CA PHE B 38 23.12 6.57 18.72
C PHE B 38 21.67 7.07 18.72
N ALA B 39 21.52 8.39 18.62
CA ALA B 39 20.21 9.01 18.45
C ALA B 39 19.43 8.37 17.30
N PHE B 40 18.17 7.99 17.55
CA PHE B 40 17.28 7.55 16.49
C PHE B 40 17.22 8.56 15.35
N CYS B 41 17.05 9.84 15.73
CA CYS B 41 16.49 10.86 14.87
C CYS B 41 15.27 10.24 14.16
N SER B 42 15.04 10.53 12.87
CA SER B 42 13.81 10.09 12.24
C SER B 42 13.71 8.58 11.96
N THR B 43 14.74 7.80 12.30
CA THR B 43 14.68 6.36 11.99
C THR B 43 13.56 5.68 12.77
N PHE B 44 13.11 6.28 13.88
CA PHE B 44 12.06 5.70 14.70
C PHE B 44 10.71 5.67 13.98
N LYS B 45 10.58 6.45 12.91
CA LYS B 45 9.30 6.58 12.23
C LYS B 45 8.88 5.29 11.54
N ALA B 46 9.87 4.47 11.15
CA ALA B 46 9.58 3.18 10.53
C ALA B 46 8.92 2.22 11.52
N PRO B 47 9.51 1.91 12.70
CA PRO B 47 8.79 1.11 13.69
C PRO B 47 7.53 1.77 14.23
N LEU B 48 7.49 3.10 14.24
CA LEU B 48 6.30 3.82 14.69
C LEU B 48 5.10 3.47 13.80
N VAL B 49 5.31 3.53 12.48
CA VAL B 49 4.29 3.15 11.53
C VAL B 49 3.89 1.70 11.70
N ALA B 50 4.87 0.81 11.89
CA ALA B 50 4.59 -0.58 12.18
C ALA B 50 3.69 -0.74 13.41
N ALA B 51 3.98 0.02 14.47
CA ALA B 51 3.19 -0.06 15.70
C ALA B 51 1.75 0.36 15.45
N VAL B 52 1.56 1.45 14.69
CA VAL B 52 0.22 1.96 14.41
C VAL B 52 -0.55 0.99 13.51
N LEU B 53 0.14 0.37 12.55
CA LEU B 53 -0.45 -0.67 11.73
C LEU B 53 -0.90 -1.85 12.61
N HIS B 54 0.03 -2.31 13.45
CA HIS B 54 -0.18 -3.51 14.25
C HIS B 54 -1.38 -3.41 15.20
N GLN B 55 -1.54 -2.24 15.84
CA GLN B 55 -2.47 -2.09 16.96
C GLN B 55 -3.90 -1.78 16.52
N ASN B 56 -4.12 -1.64 15.22
CA ASN B 56 -5.42 -1.26 14.70
C ASN B 56 -5.82 -2.13 13.51
N PRO B 57 -7.15 -2.29 13.26
CA PRO B 57 -7.59 -2.85 11.99
C PRO B 57 -7.19 -1.97 10.82
N LEU B 58 -7.15 -2.58 9.63
CA LEU B 58 -6.71 -1.92 8.41
C LEU B 58 -7.52 -0.65 8.09
N THR B 59 -8.82 -0.69 8.40
CA THR B 59 -9.70 0.43 8.09
C THR B 59 -9.33 1.68 8.88
N HIS B 60 -8.60 1.49 9.99
CA HIS B 60 -8.07 2.60 10.77
C HIS B 60 -7.15 3.53 9.98
N LEU B 61 -6.58 3.02 8.88
CA LEU B 61 -5.78 3.83 7.98
C LEU B 61 -6.57 4.98 7.35
N ASP B 62 -7.90 4.83 7.30
CA ASP B 62 -8.75 5.87 6.73
C ASP B 62 -9.41 6.78 7.77
N LYS B 63 -9.01 6.67 9.04
CA LYS B 63 -9.47 7.59 10.07
C LYS B 63 -8.83 8.96 9.88
N LEU B 64 -9.68 10.00 9.79
CA LEU B 64 -9.20 11.37 9.61
C LEU B 64 -8.73 11.97 10.92
N ILE B 65 -7.47 12.48 10.91
CA ILE B 65 -6.91 13.24 12.02
C ILE B 65 -6.86 14.73 11.66
N THR B 66 -7.49 15.56 12.49
CA THR B 66 -7.42 17.01 12.32
C THR B 66 -6.39 17.59 13.28
N TYR B 67 -5.80 18.73 12.87
CA TYR B 67 -4.72 19.36 13.61
C TYR B 67 -4.64 20.81 13.13
N THR B 68 -3.82 21.63 13.81
CA THR B 68 -3.72 23.05 13.53
C THR B 68 -2.29 23.44 13.17
N SER B 69 -2.11 24.66 12.65
CA SER B 69 -0.79 25.18 12.35
C SER B 69 0.10 25.23 13.60
N ASP B 70 -0.53 25.33 14.78
CA ASP B 70 0.21 25.28 16.03
C ASP B 70 0.68 23.89 16.45
N ASP B 71 0.25 22.84 15.74
CA ASP B 71 0.79 21.50 15.93
C ASP B 71 2.09 21.30 15.14
N ILE B 72 2.38 22.22 14.23
CA ILE B 72 3.56 22.15 13.37
C ILE B 72 4.70 22.88 14.06
N ARG B 73 5.63 22.14 14.68
CA ARG B 73 6.76 22.70 15.40
C ARG B 73 8.09 22.21 14.83
N SER B 74 8.01 21.51 13.70
CA SER B 74 9.16 20.85 13.09
C SER B 74 8.91 20.81 11.58
N ARG B 75 9.98 20.54 10.83
CA ARG B 75 9.90 20.42 9.37
C ARG B 75 8.85 19.37 9.00
N SER B 76 7.78 19.85 8.35
CA SER B 76 6.59 19.05 8.09
C SER B 76 6.02 19.42 6.73
N PRO B 77 6.72 19.09 5.61
CA PRO B 77 6.30 19.56 4.29
C PRO B 77 4.95 19.02 3.82
N VAL B 78 4.55 17.82 4.29
CA VAL B 78 3.26 17.26 3.91
C VAL B 78 2.17 17.79 4.83
N ALA B 79 2.37 17.73 6.15
CA ALA B 79 1.35 18.14 7.09
C ALA B 79 0.95 19.61 6.89
N GLN B 80 1.91 20.46 6.52
CA GLN B 80 1.61 21.85 6.23
C GLN B 80 0.68 22.00 5.03
N GLN B 81 0.79 21.11 4.04
CA GLN B 81 -0.08 21.17 2.88
C GLN B 81 -1.53 20.85 3.21
N HIS B 82 -1.78 20.15 4.33
CA HIS B 82 -3.11 19.64 4.63
C HIS B 82 -3.68 20.10 5.98
N VAL B 83 -3.13 21.19 6.51
CA VAL B 83 -3.48 21.64 7.86
C VAL B 83 -4.96 21.99 7.96
N GLN B 84 -5.53 22.54 6.87
CA GLN B 84 -6.94 22.93 6.86
C GLN B 84 -7.94 21.77 6.85
N THR B 85 -7.55 20.65 6.24
CA THR B 85 -8.45 19.52 6.04
C THR B 85 -8.21 18.36 6.99
N GLY B 86 -6.97 18.25 7.48
CA GLY B 86 -6.53 17.07 8.23
C GLY B 86 -5.95 16.02 7.29
N MET B 87 -5.48 14.91 7.89
CA MET B 87 -4.86 13.82 7.17
C MET B 87 -5.33 12.51 7.80
N THR B 88 -5.54 11.48 6.97
CA THR B 88 -5.84 10.14 7.48
C THR B 88 -4.59 9.52 8.09
N ILE B 89 -4.77 8.51 8.94
CA ILE B 89 -3.66 7.75 9.50
C ILE B 89 -2.73 7.25 8.40
N GLY B 90 -3.32 6.69 7.33
CA GLY B 90 -2.56 6.22 6.20
C GLY B 90 -1.70 7.30 5.54
N GLN B 91 -2.31 8.47 5.35
CA GLN B 91 -1.58 9.60 4.81
C GLN B 91 -0.44 10.02 5.74
N LEU B 92 -0.68 9.94 7.05
CA LEU B 92 0.32 10.32 8.02
C LEU B 92 1.49 9.33 8.01
N CYS B 93 1.18 8.04 7.84
CA CYS B 93 2.18 7.00 7.72
C CYS B 93 3.06 7.23 6.50
N ASP B 94 2.42 7.49 5.36
CA ASP B 94 3.12 7.80 4.13
C ASP B 94 4.07 8.99 4.33
N ALA B 95 3.55 10.07 4.90
CA ALA B 95 4.32 11.29 5.10
C ALA B 95 5.47 11.09 6.09
N ALA B 96 5.21 10.35 7.17
CA ALA B 96 6.21 10.13 8.20
C ALA B 96 7.39 9.35 7.63
N ILE B 97 7.12 8.32 6.81
CA ILE B 97 8.19 7.53 6.23
C ILE B 97 8.87 8.19 5.05
N ARG B 98 8.08 8.69 4.09
CA ARG B 98 8.62 9.08 2.80
C ARG B 98 9.24 10.47 2.79
N TYR B 99 8.74 11.35 3.67
CA TYR B 99 9.26 12.72 3.77
C TYR B 99 9.83 13.04 5.14
N SER B 100 9.79 12.07 6.07
CA SER B 100 10.27 12.31 7.42
C SER B 100 9.52 13.44 8.09
N ASP B 101 8.23 13.59 7.74
CA ASP B 101 7.43 14.68 8.25
C ASP B 101 7.36 14.60 9.77
N GLY B 102 7.70 15.71 10.44
CA GLY B 102 7.78 15.76 11.89
C GLY B 102 6.41 15.74 12.57
N THR B 103 5.47 16.56 12.07
CA THR B 103 4.14 16.63 12.64
C THR B 103 3.40 15.29 12.45
N ALA B 104 3.58 14.68 11.28
CA ALA B 104 2.93 13.40 11.00
C ALA B 104 3.32 12.37 12.06
N ALA B 105 4.62 12.32 12.39
CA ALA B 105 5.10 11.40 13.41
C ALA B 105 4.54 11.71 14.80
N ASN B 106 4.47 12.99 15.15
CA ASN B 106 3.88 13.40 16.42
C ASN B 106 2.41 12.98 16.53
N LEU B 107 1.67 13.14 15.42
CA LEU B 107 0.26 12.78 15.40
C LEU B 107 0.09 11.27 15.53
N LEU B 108 0.98 10.51 14.88
CA LEU B 108 0.96 9.06 15.00
C LEU B 108 1.28 8.61 16.42
N LEU B 109 2.24 9.30 17.07
CA LEU B 109 2.55 9.03 18.47
C LEU B 109 1.33 9.22 19.35
N ALA B 110 0.58 10.31 19.12
CA ALA B 110 -0.62 10.59 19.89
C ALA B 110 -1.71 9.55 19.62
N ASP B 111 -1.81 9.10 18.37
CA ASP B 111 -2.73 8.03 18.03
C ASP B 111 -2.38 6.73 18.75
N LEU B 112 -1.08 6.44 18.85
CA LEU B 112 -0.63 5.18 19.41
C LEU B 112 -0.80 5.15 20.93
N GLY B 113 -0.42 6.23 21.61
CA GLY B 113 -0.35 6.21 23.06
C GLY B 113 -1.11 7.31 23.78
N GLY B 114 -1.94 8.05 23.03
CA GLY B 114 -2.61 9.21 23.58
C GLY B 114 -1.68 10.41 23.72
N PRO B 115 -2.23 11.62 23.99
CA PRO B 115 -1.39 12.75 24.36
C PRO B 115 -0.65 12.45 25.65
N GLY B 116 0.67 12.57 25.62
CA GLY B 116 1.48 12.29 26.80
C GLY B 116 2.02 10.85 26.87
N GLY B 117 1.31 9.88 26.27
CA GLY B 117 1.73 8.48 26.35
C GLY B 117 2.40 7.91 25.10
N GLY B 118 2.48 8.73 24.04
CA GLY B 118 3.00 8.30 22.75
C GLY B 118 4.42 7.71 22.75
N THR B 119 5.37 8.44 23.35
CA THR B 119 6.74 7.95 23.34
C THR B 119 6.93 6.69 24.18
N ALA B 120 6.22 6.57 25.31
CA ALA B 120 6.25 5.35 26.08
C ALA B 120 5.66 4.17 25.30
N ALA B 121 4.55 4.43 24.60
CA ALA B 121 3.88 3.38 23.85
C ALA B 121 4.74 2.89 22.70
N PHE B 122 5.41 3.83 22.03
CA PHE B 122 6.35 3.48 20.97
C PHE B 122 7.48 2.59 21.50
N THR B 123 8.09 3.01 22.61
CA THR B 123 9.15 2.24 23.26
C THR B 123 8.63 0.84 23.59
N GLY B 124 7.39 0.79 24.12
CA GLY B 124 6.74 -0.48 24.42
C GLY B 124 6.56 -1.41 23.22
N TYR B 125 6.28 -0.83 22.05
CA TYR B 125 6.23 -1.63 20.84
C TYR B 125 7.57 -2.33 20.57
N LEU B 126 8.66 -1.58 20.73
CA LEU B 126 9.99 -2.16 20.56
C LEU B 126 10.22 -3.27 21.59
N ARG B 127 9.76 -3.06 22.83
CA ARG B 127 9.87 -4.08 23.86
C ARG B 127 9.15 -5.36 23.43
N SER B 128 8.01 -5.21 22.76
CA SER B 128 7.24 -6.35 22.31
C SER B 128 7.97 -7.14 21.22
N LEU B 129 8.92 -6.49 20.54
CA LEU B 129 9.77 -7.15 19.57
C LEU B 129 11.12 -7.58 20.14
N GLY B 130 11.22 -7.65 21.48
CA GLY B 130 12.43 -8.15 22.12
C GLY B 130 13.57 -7.14 22.21
N ASP B 131 13.30 -5.86 21.86
CA ASP B 131 14.30 -4.81 21.98
C ASP B 131 14.17 -4.18 23.35
N THR B 132 15.11 -4.49 24.24
CA THR B 132 15.11 -3.95 25.59
C THR B 132 16.09 -2.79 25.75
N VAL B 133 16.73 -2.39 24.65
CA VAL B 133 17.77 -1.39 24.66
C VAL B 133 17.26 -0.01 24.26
N SER B 134 16.51 0.05 23.15
CA SER B 134 16.10 1.32 22.59
C SER B 134 15.10 2.04 23.48
N ARG B 135 15.07 3.37 23.37
CA ARG B 135 14.11 4.18 24.09
C ARG B 135 13.82 5.47 23.35
N LEU B 136 12.53 5.83 23.30
CA LEU B 136 12.10 7.13 22.82
C LEU B 136 11.43 7.88 23.96
N ASP B 137 11.85 9.14 24.15
CA ASP B 137 11.50 9.91 25.34
C ASP B 137 10.91 11.28 25.02
N ALA B 138 11.25 11.81 23.84
CA ALA B 138 10.75 13.11 23.40
C ALA B 138 10.18 12.95 22.00
N GLU B 139 9.44 13.97 21.55
CA GLU B 139 8.92 13.94 20.20
C GLU B 139 9.65 15.02 19.39
N GLU B 140 9.19 15.21 18.15
CA GLU B 140 9.78 16.18 17.24
C GLU B 140 9.52 17.61 17.68
N PRO B 141 10.50 18.55 17.59
CA PRO B 141 11.84 18.27 17.10
C PRO B 141 12.89 17.96 18.17
N GLU B 142 12.48 17.95 19.44
CA GLU B 142 13.42 17.77 20.55
C GLU B 142 14.23 16.47 20.52
N LEU B 143 13.65 15.38 20.01
CA LEU B 143 14.33 14.08 20.01
C LEU B 143 15.60 14.07 19.16
N ASN B 144 15.73 15.04 18.24
CA ASN B 144 16.91 15.17 17.40
C ASN B 144 18.07 15.93 18.04
N ARG B 145 17.88 16.43 19.27
CA ARG B 145 18.75 17.43 19.87
C ARG B 145 19.35 17.10 21.24
N ASP B 146 19.21 15.85 21.72
CA ASP B 146 19.80 15.47 22.99
C ASP B 146 21.32 15.61 22.94
N PRO B 147 21.99 15.96 24.07
CA PRO B 147 23.45 15.97 24.10
C PRO B 147 24.07 14.61 23.82
N PRO B 148 25.28 14.57 23.20
CA PRO B 148 25.99 13.31 23.04
C PRO B 148 26.16 12.58 24.38
N GLY B 149 26.01 11.25 24.33
CA GLY B 149 26.12 10.45 25.54
C GLY B 149 24.81 10.28 26.31
N ASP B 150 23.81 11.14 26.03
CA ASP B 150 22.50 10.99 26.65
C ASP B 150 21.80 9.78 26.03
N GLU B 151 21.25 8.91 26.88
CA GLU B 151 20.66 7.67 26.42
C GLU B 151 19.24 7.88 25.92
N ARG B 152 18.65 9.03 26.24
CA ARG B 152 17.28 9.31 25.81
C ARG B 152 17.24 9.38 24.29
N ASP B 153 16.15 8.86 23.70
CA ASP B 153 15.92 8.92 22.27
C ASP B 153 17.01 8.22 21.45
N THR B 154 17.59 7.15 22.01
CA THR B 154 18.64 6.40 21.32
C THR B 154 18.23 4.97 21.02
N THR B 155 18.89 4.40 20.01
CA THR B 155 18.89 2.97 19.76
C THR B 155 20.35 2.57 19.56
N THR B 156 20.58 1.32 19.12
CA THR B 156 21.89 0.89 18.70
C THR B 156 21.74 0.31 17.30
N PRO B 157 22.81 0.31 16.47
CA PRO B 157 22.74 -0.36 15.17
C PRO B 157 22.21 -1.80 15.26
N HIS B 158 22.72 -2.58 16.22
CA HIS B 158 22.31 -3.95 16.40
C HIS B 158 20.82 -4.06 16.74
N ALA B 159 20.37 -3.23 17.69
CA ALA B 159 18.99 -3.29 18.17
C ALA B 159 18.01 -2.91 17.07
N ILE B 160 18.29 -1.82 16.35
CA ILE B 160 17.36 -1.32 15.34
C ILE B 160 17.36 -2.25 14.13
N ALA B 161 18.50 -2.87 13.84
CA ALA B 161 18.57 -3.85 12.77
C ALA B 161 17.69 -5.06 13.04
N LEU B 162 17.70 -5.58 14.27
CA LEU B 162 16.90 -6.75 14.61
C LEU B 162 15.40 -6.42 14.55
N VAL B 163 15.06 -5.19 14.95
CA VAL B 163 13.69 -4.71 14.87
C VAL B 163 13.26 -4.66 13.41
N LEU B 164 14.04 -3.98 12.57
CA LEU B 164 13.68 -3.83 11.17
C LEU B 164 13.59 -5.19 10.49
N GLN B 165 14.48 -6.12 10.88
CA GLN B 165 14.45 -7.47 10.34
C GLN B 165 13.11 -8.16 10.60
N GLN B 166 12.62 -8.06 11.84
CA GLN B 166 11.33 -8.63 12.19
C GLN B 166 10.19 -7.95 11.42
N LEU B 167 10.29 -6.63 11.23
CA LEU B 167 9.22 -5.87 10.60
C LEU B 167 9.10 -6.13 9.11
N VAL B 168 10.24 -6.26 8.43
CA VAL B 168 10.25 -6.41 6.97
C VAL B 168 10.34 -7.87 6.51
N LEU B 169 11.18 -8.67 7.18
CA LEU B 169 11.45 -10.03 6.75
C LEU B 169 10.80 -11.09 7.65
N GLY B 170 10.41 -10.69 8.87
CA GLY B 170 9.86 -11.61 9.85
C GLY B 170 8.34 -11.52 9.97
N ASN B 171 7.81 -11.97 11.12
CA ASN B 171 6.37 -12.06 11.29
C ASN B 171 5.78 -11.10 12.32
N ALA B 172 6.49 -9.98 12.59
CA ALA B 172 5.99 -8.97 13.52
C ALA B 172 4.61 -8.44 13.10
N LEU B 173 4.42 -8.29 11.79
CA LEU B 173 3.17 -7.79 11.22
C LEU B 173 2.53 -8.86 10.36
N PRO B 174 1.18 -8.92 10.28
CA PRO B 174 0.51 -9.69 9.25
C PRO B 174 0.92 -9.26 7.84
N PRO B 175 0.89 -10.19 6.86
CA PRO B 175 1.39 -9.91 5.51
C PRO B 175 0.93 -8.60 4.88
N ASP B 176 -0.36 -8.28 5.04
CA ASP B 176 -0.91 -7.08 4.42
C ASP B 176 -0.28 -5.82 5.01
N LYS B 177 -0.19 -5.76 6.34
CA LYS B 177 0.41 -4.62 7.01
C LYS B 177 1.92 -4.55 6.75
N ARG B 178 2.59 -5.71 6.76
CA ARG B 178 4.00 -5.80 6.41
C ARG B 178 4.30 -5.16 5.06
N ALA B 179 3.45 -5.47 4.08
CA ALA B 179 3.64 -5.00 2.72
C ALA B 179 3.50 -3.48 2.61
N LEU B 180 2.59 -2.89 3.41
CA LEU B 180 2.41 -1.45 3.42
C LEU B 180 3.66 -0.75 3.93
N LEU B 181 4.22 -1.27 5.04
CA LEU B 181 5.45 -0.71 5.60
C LEU B 181 6.58 -0.77 4.57
N THR B 182 6.78 -1.96 3.97
CA THR B 182 7.83 -2.18 3.00
C THR B 182 7.66 -1.23 1.81
N ASP B 183 6.41 -1.07 1.36
CA ASP B 183 6.10 -0.22 0.22
C ASP B 183 6.38 1.27 0.47
N TRP B 184 6.01 1.77 1.65
CA TRP B 184 6.33 3.14 1.99
C TRP B 184 7.84 3.38 2.03
N MET B 185 8.58 2.42 2.59
CA MET B 185 10.03 2.50 2.66
C MET B 185 10.65 2.45 1.26
N ALA B 186 10.05 1.65 0.36
CA ALA B 186 10.54 1.55 -1.00
C ALA B 186 10.37 2.85 -1.79
N ARG B 187 9.38 3.65 -1.39
CA ARG B 187 9.08 4.89 -2.08
C ARG B 187 9.59 6.11 -1.30
N ASN B 188 10.54 5.92 -0.38
CA ASN B 188 11.12 7.03 0.36
C ASN B 188 11.80 8.04 -0.55
N THR B 189 11.71 9.34 -0.22
CA THR B 189 12.33 10.38 -1.02
C THR B 189 13.63 10.92 -0.44
N THR B 190 14.02 10.46 0.75
CA THR B 190 15.11 11.10 1.49
C THR B 190 16.43 10.34 1.53
N GLY B 191 16.46 9.12 0.99
CA GLY B 191 17.60 8.24 1.18
C GLY B 191 18.53 7.98 0.00
N ALA B 192 18.41 8.75 -1.09
CA ALA B 192 19.17 8.47 -2.30
C ALA B 192 20.69 8.52 -2.13
N LYS B 193 21.17 9.36 -1.19
CA LYS B 193 22.59 9.57 -1.02
C LYS B 193 23.20 8.80 0.17
N ARG B 194 22.44 7.85 0.74
CA ARG B 194 22.90 7.11 1.90
C ARG B 194 23.11 5.64 1.51
N ILE B 195 22.42 4.70 2.15
CA ILE B 195 22.70 3.30 1.88
C ILE B 195 22.49 2.98 0.40
N ARG B 196 21.44 3.54 -0.19
CA ARG B 196 21.16 3.35 -1.61
C ARG B 196 22.40 3.64 -2.47
N ALA B 197 23.14 4.69 -2.12
CA ALA B 197 24.29 5.13 -2.90
C ALA B 197 25.49 4.20 -2.78
N GLY B 198 25.46 3.29 -1.81
CA GLY B 198 26.50 2.29 -1.64
C GLY B 198 26.25 0.92 -2.29
N PHE B 199 25.04 0.69 -2.82
CA PHE B 199 24.70 -0.59 -3.43
C PHE B 199 24.47 -0.45 -4.94
N PRO B 200 24.93 -1.41 -5.78
CA PRO B 200 24.66 -1.33 -7.22
C PRO B 200 23.17 -1.30 -7.54
N ALA B 201 22.83 -0.72 -8.70
CA ALA B 201 21.46 -0.47 -9.08
C ALA B 201 20.62 -1.74 -9.23
N ASP B 202 21.26 -2.89 -9.46
CA ASP B 202 20.53 -4.15 -9.56
C ASP B 202 20.23 -4.79 -8.21
N TRP B 203 20.68 -4.14 -7.12
CA TRP B 203 20.18 -4.43 -5.79
C TRP B 203 18.97 -3.55 -5.48
N LYS B 204 17.93 -4.14 -4.89
CA LYS B 204 16.77 -3.38 -4.43
C LYS B 204 17.07 -2.83 -3.04
N VAL B 205 16.64 -1.59 -2.78
CA VAL B 205 16.82 -0.95 -1.49
C VAL B 205 15.53 -0.27 -1.01
N ILE B 206 15.19 -0.48 0.26
CA ILE B 206 14.15 0.29 0.95
C ILE B 206 14.82 0.84 2.21
N ASP B 207 14.46 2.05 2.65
CA ASP B 207 15.14 2.64 3.79
C ASP B 207 14.29 3.68 4.54
N LYS B 208 14.78 4.07 5.72
CA LYS B 208 14.27 5.20 6.46
C LYS B 208 15.48 5.94 7.01
N THR B 209 15.58 7.22 6.70
CA THR B 209 16.69 8.06 7.17
C THR B 209 16.43 8.71 8.52
N GLY B 210 17.51 9.24 9.10
CA GLY B 210 17.44 10.19 10.21
C GLY B 210 18.58 11.20 10.15
N THR B 211 18.30 12.44 10.58
CA THR B 211 19.30 13.49 10.64
C THR B 211 19.04 14.33 11.88
N GLY B 212 20.10 14.84 12.50
CA GLY B 212 19.97 15.64 13.71
C GLY B 212 21.16 16.57 13.90
N ASP B 213 21.18 17.28 15.04
CA ASP B 213 22.33 18.12 15.34
C ASP B 213 23.48 17.22 15.80
N TYR B 214 24.62 17.84 16.12
CA TYR B 214 25.87 17.11 16.38
C TYR B 214 26.24 16.22 15.19
N GLY B 215 25.91 16.67 13.98
CA GLY B 215 26.24 15.97 12.75
C GLY B 215 25.62 14.59 12.62
N ARG B 216 24.45 14.40 13.23
CA ARG B 216 23.83 13.09 13.24
C ARG B 216 23.24 12.73 11.88
N ALA B 217 23.58 11.54 11.39
CA ALA B 217 23.05 11.08 10.11
C ALA B 217 22.97 9.56 10.16
N ASN B 218 21.76 9.04 9.97
CA ASN B 218 21.49 7.62 10.03
C ASN B 218 20.73 7.15 8.80
N ASP B 219 20.79 5.84 8.57
CA ASP B 219 19.94 5.19 7.59
C ASP B 219 19.78 3.73 8.00
N ILE B 220 18.54 3.24 7.97
CA ILE B 220 18.28 1.84 8.17
C ILE B 220 17.59 1.32 6.91
N ALA B 221 17.97 0.12 6.50
CA ALA B 221 17.55 -0.37 5.21
C ALA B 221 17.40 -1.87 5.19
N VAL B 222 16.58 -2.34 4.25
CA VAL B 222 16.62 -3.72 3.81
C VAL B 222 17.00 -3.70 2.34
N VAL B 223 17.92 -4.58 1.96
CA VAL B 223 18.38 -4.66 0.58
C VAL B 223 18.21 -6.10 0.09
N TRP B 224 18.03 -6.25 -1.22
CA TRP B 224 17.91 -7.54 -1.86
C TRP B 224 18.94 -7.65 -2.99
N SER B 225 19.69 -8.75 -3.01
CA SER B 225 20.65 -9.01 -4.08
C SER B 225 19.92 -9.16 -5.41
N PRO B 226 20.64 -9.16 -6.56
CA PRO B 226 20.00 -9.39 -7.86
C PRO B 226 19.26 -10.72 -7.98
N THR B 227 19.64 -11.70 -7.14
CA THR B 227 18.95 -12.98 -7.07
C THR B 227 17.95 -13.08 -5.91
N GLY B 228 17.66 -11.95 -5.25
CA GLY B 228 16.56 -11.88 -4.30
C GLY B 228 16.90 -12.23 -2.85
N VAL B 229 18.20 -12.27 -2.52
CA VAL B 229 18.62 -12.61 -1.17
C VAL B 229 18.60 -11.33 -0.34
N PRO B 230 17.85 -11.29 0.79
CA PRO B 230 17.77 -10.07 1.61
C PRO B 230 18.83 -9.95 2.70
N TYR B 231 19.19 -8.70 2.99
CA TYR B 231 20.07 -8.36 4.11
C TYR B 231 19.52 -7.10 4.76
N VAL B 232 19.72 -6.97 6.08
CA VAL B 232 19.36 -5.76 6.79
C VAL B 232 20.62 -4.95 7.08
N VAL B 233 20.56 -3.64 6.83
CA VAL B 233 21.71 -2.78 7.01
C VAL B 233 21.34 -1.55 7.84
N ALA B 234 22.00 -1.42 9.00
CA ALA B 234 21.83 -0.27 9.88
C ALA B 234 23.15 0.49 9.94
N VAL B 235 23.11 1.78 9.60
CA VAL B 235 24.27 2.64 9.61
C VAL B 235 23.87 3.90 10.37
N MET B 236 24.61 4.20 11.44
CA MET B 236 24.34 5.34 12.29
C MET B 236 25.63 6.12 12.47
N SER B 237 25.52 7.46 12.57
CA SER B 237 26.70 8.29 12.72
C SER B 237 26.40 9.61 13.41
N ASP B 238 27.44 10.17 14.02
CA ASP B 238 27.40 11.53 14.49
C ASP B 238 28.80 12.12 14.37
N ARG B 239 28.88 13.44 14.49
CA ARG B 239 30.12 14.17 14.38
C ARG B 239 30.18 15.12 15.57
N ALA B 240 30.04 14.55 16.77
CA ALA B 240 30.14 15.29 18.02
C ALA B 240 31.42 16.12 18.15
N GLY B 241 32.49 15.66 17.49
CA GLY B 241 33.74 16.41 17.42
C GLY B 241 33.59 17.81 16.85
N GLY B 242 32.62 18.00 15.94
CA GLY B 242 32.34 19.30 15.37
C GLY B 242 31.43 20.22 16.19
N GLY B 243 30.94 19.71 17.33
CA GLY B 243 30.00 20.43 18.17
C GLY B 243 28.54 20.32 17.72
N TYR B 244 27.67 21.07 18.41
CA TYR B 244 26.24 21.11 18.15
C TYR B 244 25.92 21.33 16.68
N ASP B 245 26.70 22.21 16.04
CA ASP B 245 26.42 22.64 14.69
C ASP B 245 27.16 21.85 13.60
N ALA B 246 27.74 20.70 13.96
CA ALA B 246 28.49 19.91 13.00
C ALA B 246 27.56 19.52 11.85
N GLU B 247 28.06 19.63 10.62
CA GLU B 247 27.27 19.29 9.46
C GLU B 247 27.19 17.77 9.36
N PRO B 248 25.98 17.19 9.18
CA PRO B 248 25.88 15.78 8.82
C PRO B 248 26.56 15.49 7.49
N ARG B 249 27.10 14.27 7.35
CA ARG B 249 27.83 13.87 6.16
C ARG B 249 27.23 12.61 5.55
N GLU B 250 26.36 12.79 4.57
CA GLU B 250 25.69 11.66 3.94
C GLU B 250 26.73 10.72 3.31
N ALA B 251 27.80 11.30 2.76
CA ALA B 251 28.83 10.52 2.08
C ALA B 251 29.49 9.49 3.00
N LEU B 252 29.54 9.79 4.31
CA LEU B 252 30.04 8.83 5.29
C LEU B 252 29.19 7.56 5.28
N LEU B 253 27.86 7.73 5.20
CA LEU B 253 26.97 6.59 5.18
C LEU B 253 27.07 5.81 3.87
N ALA B 254 27.16 6.55 2.76
CA ALA B 254 27.33 5.95 1.44
C ALA B 254 28.60 5.11 1.40
N GLU B 255 29.69 5.65 1.98
CA GLU B 255 30.94 4.93 2.06
C GLU B 255 30.84 3.66 2.89
N ALA B 256 30.23 3.78 4.09
CA ALA B 256 30.03 2.62 4.94
C ALA B 256 29.22 1.55 4.22
N ALA B 257 28.15 1.98 3.52
CA ALA B 257 27.33 1.07 2.74
C ALA B 257 28.12 0.39 1.61
N THR B 258 29.00 1.15 0.95
CA THR B 258 29.85 0.57 -0.09
C THR B 258 30.72 -0.55 0.47
N CYS B 259 31.31 -0.31 1.65
CA CYS B 259 32.11 -1.33 2.30
C CYS B 259 31.30 -2.61 2.53
N VAL B 260 30.08 -2.44 3.05
CA VAL B 260 29.17 -3.55 3.30
C VAL B 260 28.83 -4.29 2.01
N ALA B 261 28.42 -3.53 0.98
CA ALA B 261 28.10 -4.12 -0.31
C ALA B 261 29.23 -4.99 -0.86
N GLY B 262 30.47 -4.51 -0.69
CA GLY B 262 31.65 -5.26 -1.10
C GLY B 262 31.73 -6.63 -0.44
N VAL B 263 31.38 -6.70 0.85
CA VAL B 263 31.43 -7.94 1.60
C VAL B 263 30.29 -8.87 1.23
N LEU B 264 29.11 -8.31 0.99
CA LEU B 264 27.92 -9.09 0.68
C LEU B 264 27.86 -9.56 -0.77
N ALA B 265 28.66 -8.93 -1.65
CA ALA B 265 28.63 -9.26 -3.07
C ALA B 265 29.01 -10.72 -3.33
#